data_5M4A
#
_entry.id   5M4A
#
_cell.length_a   185.769
_cell.length_b   185.769
_cell.length_c   118.799
_cell.angle_alpha   90.00
_cell.angle_beta   90.00
_cell.angle_gamma   120.00
#
_symmetry.space_group_name_H-M   'P 62 2 2'
#
loop_
_entity.id
_entity.type
_entity.pdbx_description
1 polymer 'Neutral trehalase'
2 branched alpha-D-glucopyranose-(1-1)-alpha-D-glucopyranose
#
_entity_poly.entity_id   1
_entity_poly.type   'polypeptide(L)'
_entity_poly.pdbx_seq_one_letter_code
;GAMGSNLLQELTIAKSFGRHQIFLDEARINENPVNRLSRLINTQFWNSLTRRVDLNNVGEIAKDTKIDTPGAKNPRIYVP
YDCPEQYEFYVQASQMHPSLKLEVEYLPKKITAEYVKSVNDTPGLLALAMEEHFNPSTGEKTLIGYPYAVPGGRFNELYG
WDSYMMALGLLEANKTDVARGMVEHFIFEINHYGKILNANRSYYLCRSQPPFLTEMALVVFKKLGGRSNPDAVDLLKRAF
QASIKEYKTVWTASPRLDPETGLSRYHPNGLGIPPETESDHFDTVLLPYASKHGVTLDEFKQLYNDGKIKEPKLDEFFLH
DRGVRESGHDTTYRFEGVCAYLATIDLNSLLYKYEIDIADFIKEFCDDKYEDPLDHSITTSAMWKEMAKIRQEKITKYMW
DDESGFFFDYNTKIKHRTSYESATTFWALWAGLATKEQAQKMVEKALPKLEMLGGLAACTERSRGPISISRPIRQWDYPF
GWAPHQILAWEGLRSYGYLTVTNRLAYRWLFMMTKAFVDYNGIVVEKYDVTRGTDPHRVEAEYGNQGADFKGAATEGFGW
VNASYILGLKYMNSHARRALGACIPPISFFSSLRPQERNLYGL
;
_entity_poly.pdbx_strand_id   A
#
# COMPACT_ATOMS: atom_id res chain seq x y z
N ASN A 32 16.97 2.39 27.78
CA ASN A 32 17.52 2.34 26.43
C ASN A 32 16.47 2.67 25.37
N PRO A 33 16.64 3.79 24.68
CA PRO A 33 15.59 4.27 23.78
C PRO A 33 15.24 3.30 22.69
N VAL A 34 16.17 2.44 22.27
CA VAL A 34 15.84 1.43 21.27
C VAL A 34 14.85 0.44 21.84
N ASN A 35 15.08 -0.03 23.05
CA ASN A 35 14.12 -0.92 23.68
C ASN A 35 12.85 -0.20 24.07
N ARG A 36 12.94 1.09 24.39
CA ARG A 36 11.73 1.83 24.74
C ARG A 36 10.84 2.00 23.53
N LEU A 37 11.42 2.40 22.41
CA LEU A 37 10.63 2.56 21.19
C LEU A 37 10.07 1.22 20.73
N SER A 38 10.91 0.20 20.69
CA SER A 38 10.44 -1.12 20.31
C SER A 38 9.28 -1.55 21.17
N ARG A 39 9.42 -1.40 22.50
CA ARG A 39 8.38 -1.88 23.39
C ARG A 39 7.07 -1.14 23.15
N LEU A 40 7.14 0.16 22.88
CA LEU A 40 5.93 0.89 22.57
C LEU A 40 5.30 0.42 21.28
N ILE A 41 6.12 0.16 20.26
CA ILE A 41 5.58 -0.26 18.99
C ILE A 41 4.87 -1.59 19.13
N ASN A 42 5.46 -2.51 19.88
CA ASN A 42 4.89 -3.86 19.93
C ASN A 42 3.58 -3.90 20.69
N THR A 43 3.39 -3.01 21.64
CA THR A 43 2.25 -3.11 22.55
C THR A 43 1.32 -1.91 22.39
N GLN A 44 1.70 -0.74 22.87
CA GLN A 44 0.76 0.37 22.88
C GLN A 44 0.41 0.82 21.47
N PHE A 45 1.39 0.86 20.58
CA PHE A 45 1.16 1.44 19.26
C PHE A 45 0.18 0.61 18.45
N TRP A 46 0.49 -0.68 18.27
CA TRP A 46 -0.37 -1.52 17.46
C TRP A 46 -1.80 -1.55 18.02
N ASN A 47 -1.93 -1.63 19.35
CA ASN A 47 -3.26 -1.61 19.95
C ASN A 47 -3.98 -0.31 19.61
N SER A 48 -3.26 0.81 19.65
CA SER A 48 -3.89 2.07 19.32
C SER A 48 -4.37 2.10 17.88
N LEU A 49 -3.67 1.41 17.00
CA LEU A 49 -4.02 1.37 15.59
C LEU A 49 -4.99 0.26 15.25
N THR A 50 -5.24 -0.66 16.16
CA THR A 50 -6.08 -1.80 15.85
C THR A 50 -7.54 -1.41 15.93
N ARG A 51 -8.32 -1.93 15.00
CA ARG A 51 -9.76 -1.73 14.96
C ARG A 51 -10.46 -3.07 14.83
N ARG A 52 -11.59 -3.20 15.49
CA ARG A 52 -12.47 -4.35 15.33
C ARG A 52 -13.91 -3.88 15.45
N VAL A 53 -14.75 -4.29 14.51
CA VAL A 53 -16.14 -3.84 14.46
C VAL A 53 -16.97 -4.71 15.38
N ASP A 54 -17.57 -4.10 16.38
CA ASP A 54 -18.66 -4.68 17.15
C ASP A 54 -19.86 -3.74 17.04
N LEU A 55 -20.91 -4.06 17.79
CA LEU A 55 -22.10 -3.24 17.68
C LEU A 55 -21.92 -1.89 18.35
N ASN A 56 -21.11 -1.83 19.40
CA ASN A 56 -21.00 -0.58 20.16
C ASN A 56 -20.04 0.43 19.56
N ASN A 57 -19.01 -0.03 18.86
CA ASN A 57 -17.94 0.87 18.44
C ASN A 57 -18.18 1.46 17.06
N VAL A 58 -19.26 1.09 16.38
CA VAL A 58 -19.54 1.69 15.09
C VAL A 58 -19.75 3.18 15.29
N GLY A 59 -19.29 3.95 14.31
CA GLY A 59 -19.30 5.39 14.41
C GLY A 59 -18.07 5.91 15.11
N GLU A 60 -17.48 5.09 15.98
CA GLU A 60 -16.09 5.31 16.36
C GLU A 60 -15.18 4.86 15.24
N ILE A 61 -15.51 3.72 14.63
CA ILE A 61 -14.77 3.24 13.48
C ILE A 61 -15.16 3.99 12.23
N ALA A 62 -16.38 4.49 12.19
CA ALA A 62 -16.91 5.17 11.01
C ALA A 62 -16.54 6.64 10.96
N LYS A 63 -15.76 7.13 11.92
CA LYS A 63 -15.46 8.55 11.95
C LYS A 63 -14.58 8.93 10.78
N ASP A 64 -14.99 9.95 10.04
CA ASP A 64 -14.20 10.43 8.90
C ASP A 64 -14.10 11.96 8.96
N THR A 65 -12.89 12.45 9.18
CA THR A 65 -12.63 13.88 9.17
C THR A 65 -12.23 14.39 7.80
N LYS A 66 -11.90 13.49 6.86
CA LYS A 66 -11.30 13.90 5.61
C LYS A 66 -12.28 14.55 4.66
N ILE A 67 -13.57 14.33 4.85
CA ILE A 67 -14.58 14.91 3.97
C ILE A 67 -15.55 15.67 4.85
N ASP A 68 -15.58 16.98 4.67
CA ASP A 68 -16.45 17.85 5.43
C ASP A 68 -17.52 18.38 4.48
N THR A 69 -18.76 18.11 4.81
CA THR A 69 -19.88 18.25 3.91
C THR A 69 -21.09 17.87 4.73
N PRO A 70 -22.30 18.27 4.36
CA PRO A 70 -23.44 18.00 5.25
C PRO A 70 -23.74 16.52 5.39
N GLY A 71 -23.40 15.71 4.38
CA GLY A 71 -23.63 14.28 4.48
C GLY A 71 -22.69 13.56 5.41
N ALA A 72 -21.54 14.18 5.72
CA ALA A 72 -20.55 13.56 6.58
C ALA A 72 -20.80 13.80 8.06
N LYS A 73 -21.85 14.55 8.42
CA LYS A 73 -22.14 14.79 9.83
C LYS A 73 -22.66 13.52 10.49
N ASN A 74 -23.54 12.87 9.88
CA ASN A 74 -23.96 11.62 10.48
C ASN A 74 -23.12 10.46 9.95
N PRO A 75 -22.70 9.54 10.81
CA PRO A 75 -21.96 8.37 10.34
C PRO A 75 -22.82 7.53 9.40
N ARG A 76 -22.16 6.86 8.46
CA ARG A 76 -22.86 6.08 7.47
C ARG A 76 -22.02 4.89 7.06
N ILE A 77 -22.67 3.78 6.80
CA ILE A 77 -21.99 2.61 6.27
C ILE A 77 -22.72 2.09 5.04
N TYR A 78 -21.97 1.69 4.04
CA TYR A 78 -22.51 1.09 2.84
C TYR A 78 -22.21 -0.40 2.85
N VAL A 79 -23.18 -1.20 2.42
CA VAL A 79 -23.07 -2.65 2.45
C VAL A 79 -23.43 -3.20 1.07
N PRO A 80 -22.75 -4.24 0.59
CA PRO A 80 -23.12 -4.82 -0.70
C PRO A 80 -24.46 -5.52 -0.63
N TYR A 81 -25.03 -5.75 -1.82
CA TYR A 81 -26.33 -6.39 -1.87
C TYR A 81 -26.25 -7.87 -1.53
N ASP A 82 -25.05 -8.44 -1.45
CA ASP A 82 -24.90 -9.87 -1.18
C ASP A 82 -24.98 -10.23 0.29
N CYS A 83 -25.00 -9.26 1.20
CA CYS A 83 -24.75 -9.49 2.62
C CYS A 83 -25.95 -9.05 3.45
N PRO A 84 -27.04 -9.81 3.43
CA PRO A 84 -28.16 -9.48 4.29
C PRO A 84 -27.82 -9.58 5.76
N GLU A 85 -27.00 -10.55 6.15
CA GLU A 85 -26.66 -10.68 7.56
C GLU A 85 -25.86 -9.49 8.05
N GLN A 86 -24.93 -9.00 7.24
CA GLN A 86 -24.20 -7.81 7.63
C GLN A 86 -25.13 -6.61 7.70
N TYR A 87 -26.06 -6.50 6.75
CA TYR A 87 -27.01 -5.38 6.80
C TYR A 87 -27.77 -5.36 8.13
N GLU A 88 -28.21 -6.53 8.60
CA GLU A 88 -28.91 -6.58 9.87
C GLU A 88 -27.99 -6.12 10.99
N PHE A 89 -26.73 -6.53 10.95
CA PHE A 89 -25.77 -6.19 11.99
C PHE A 89 -25.68 -4.68 12.16
N TYR A 90 -25.29 -3.97 11.11
CA TYR A 90 -25.12 -2.53 11.22
C TYR A 90 -26.45 -1.81 11.40
N VAL A 91 -27.51 -2.29 10.76
CA VAL A 91 -28.81 -1.66 10.96
C VAL A 91 -29.18 -1.71 12.43
N GLN A 92 -29.00 -2.88 13.04
CA GLN A 92 -29.32 -3.04 14.45
C GLN A 92 -28.40 -2.19 15.30
N ALA A 93 -27.13 -2.09 14.91
CA ALA A 93 -26.19 -1.19 15.57
C ALA A 93 -26.75 0.21 15.66
N SER A 94 -27.37 0.70 14.59
CA SER A 94 -27.99 2.01 14.67
C SER A 94 -29.15 1.98 15.65
N GLN A 95 -29.78 0.82 15.82
CA GLN A 95 -30.94 0.78 16.68
C GLN A 95 -30.54 0.82 18.15
N MET A 96 -29.34 0.39 18.50
CA MET A 96 -28.95 0.47 19.91
C MET A 96 -28.62 1.90 20.32
N HIS A 97 -27.78 2.57 19.56
CA HIS A 97 -27.28 3.89 19.94
C HIS A 97 -27.75 4.92 18.90
N PRO A 98 -29.03 5.29 18.93
CA PRO A 98 -29.49 6.36 18.04
C PRO A 98 -28.74 7.65 18.27
N SER A 99 -28.07 7.79 19.42
CA SER A 99 -27.24 8.96 19.67
C SER A 99 -26.32 9.23 18.48
N LEU A 100 -25.80 8.16 17.88
CA LEU A 100 -24.88 8.31 16.77
C LEU A 100 -25.58 8.75 15.50
N LYS A 101 -26.89 8.55 15.39
CA LYS A 101 -27.66 8.92 14.21
C LYS A 101 -27.08 8.24 12.96
N LEU A 102 -26.67 6.99 13.11
CA LEU A 102 -25.99 6.26 12.05
C LEU A 102 -26.96 5.79 10.98
N GLU A 103 -26.55 5.90 9.73
CA GLU A 103 -27.36 5.53 8.57
C GLU A 103 -26.71 4.39 7.83
N VAL A 104 -27.50 3.36 7.51
CA VAL A 104 -27.02 2.17 6.81
C VAL A 104 -27.71 2.10 5.46
N GLU A 105 -26.95 1.83 4.41
CA GLU A 105 -27.50 1.81 3.07
C GLU A 105 -26.88 0.71 2.25
N TYR A 106 -27.72 0.01 1.49
CA TYR A 106 -27.27 -1.04 0.61
C TYR A 106 -26.57 -0.44 -0.60
N LEU A 107 -25.84 -1.28 -1.27
CA LEU A 107 -25.13 -0.85 -2.45
C LEU A 107 -25.69 -1.52 -3.69
N PRO A 108 -25.61 -0.87 -4.83
CA PRO A 108 -26.07 -1.49 -6.08
C PRO A 108 -25.21 -2.69 -6.45
N LYS A 109 -25.83 -3.65 -7.13
CA LYS A 109 -25.10 -4.82 -7.59
C LYS A 109 -24.00 -4.43 -8.57
N LYS A 110 -24.18 -3.34 -9.29
CA LYS A 110 -23.20 -2.84 -10.23
C LYS A 110 -22.84 -1.43 -9.81
N ILE A 111 -21.58 -1.21 -9.50
CA ILE A 111 -21.14 0.06 -8.94
C ILE A 111 -20.53 0.88 -10.06
N THR A 112 -21.21 1.93 -10.45
CA THR A 112 -20.78 2.76 -11.56
C THR A 112 -19.92 3.91 -11.05
N ALA A 113 -18.90 4.25 -11.82
CA ALA A 113 -18.17 5.49 -11.58
C ALA A 113 -19.13 6.65 -11.35
N GLU A 114 -20.18 6.74 -12.16
CA GLU A 114 -21.19 7.77 -11.91
C GLU A 114 -21.81 7.61 -10.54
N TYR A 115 -22.02 6.36 -10.10
CA TYR A 115 -22.66 6.14 -8.81
C TYR A 115 -21.79 6.65 -7.67
N VAL A 116 -20.49 6.41 -7.73
CA VAL A 116 -19.65 6.89 -6.64
C VAL A 116 -19.63 8.41 -6.63
N LYS A 117 -19.60 9.04 -7.81
CA LYS A 117 -19.65 10.49 -7.84
C LYS A 117 -20.91 11.00 -7.14
N SER A 118 -21.97 10.21 -7.13
CA SER A 118 -23.21 10.65 -6.50
C SER A 118 -23.14 10.61 -4.99
N VAL A 119 -22.34 9.71 -4.43
CA VAL A 119 -22.22 9.60 -2.99
C VAL A 119 -21.06 10.46 -2.51
N ASN A 120 -20.50 11.25 -3.43
CA ASN A 120 -19.41 12.15 -3.06
C ASN A 120 -19.80 13.04 -1.89
N ASP A 121 -20.96 13.65 -1.96
CA ASP A 121 -21.39 14.54 -0.90
C ASP A 121 -22.08 13.81 0.24
N THR A 122 -22.24 12.49 0.12
CA THR A 122 -22.80 11.66 1.19
C THR A 122 -21.94 10.42 1.38
N PRO A 123 -20.80 10.56 2.02
CA PRO A 123 -19.82 9.47 2.11
C PRO A 123 -20.21 8.46 3.17
N GLY A 124 -19.42 7.40 3.25
CA GLY A 124 -19.67 6.36 4.22
C GLY A 124 -18.57 5.32 4.19
N LEU A 125 -18.52 4.55 5.27
CA LEU A 125 -17.54 3.49 5.44
C LEU A 125 -18.09 2.19 4.88
N LEU A 126 -17.23 1.39 4.26
CA LEU A 126 -17.65 0.16 3.62
C LEU A 126 -17.49 -1.01 4.56
N ALA A 127 -18.46 -1.92 4.53
CA ALA A 127 -18.37 -3.11 5.35
C ALA A 127 -17.23 -3.99 4.87
N LEU A 128 -16.62 -4.71 5.81
CA LEU A 128 -15.50 -5.58 5.48
C LEU A 128 -15.79 -6.98 6.01
N ALA A 129 -14.79 -7.86 5.94
CA ALA A 129 -15.00 -9.24 6.35
C ALA A 129 -15.50 -9.29 7.78
N MET A 130 -16.32 -10.28 8.06
CA MET A 130 -16.93 -10.46 9.37
C MET A 130 -16.61 -11.86 9.84
N GLU A 131 -16.46 -12.02 11.15
CA GLU A 131 -16.13 -13.31 11.73
C GLU A 131 -17.37 -13.91 12.35
N GLU A 132 -17.66 -15.16 12.00
CA GLU A 132 -18.81 -15.86 12.55
C GLU A 132 -18.43 -16.48 13.90
N HIS A 133 -19.15 -16.08 14.94
CA HIS A 133 -18.94 -16.61 16.29
C HIS A 133 -20.25 -17.17 16.80
N PHE A 134 -20.24 -18.45 17.12
CA PHE A 134 -21.44 -19.17 17.54
C PHE A 134 -21.44 -19.40 19.04
N ASN A 135 -22.59 -19.24 19.64
CA ASN A 135 -22.74 -19.58 21.03
C ASN A 135 -22.66 -21.09 21.20
N PRO A 136 -21.77 -21.61 22.03
CA PRO A 136 -21.64 -23.08 22.12
C PRO A 136 -22.84 -23.75 22.75
N SER A 137 -23.46 -23.12 23.75
CA SER A 137 -24.62 -23.77 24.38
C SER A 137 -25.86 -23.66 23.49
N THR A 138 -26.22 -22.43 23.12
CA THR A 138 -27.49 -22.19 22.44
C THR A 138 -27.36 -22.05 20.94
N GLY A 139 -26.15 -22.14 20.39
CA GLY A 139 -25.98 -22.09 18.95
C GLY A 139 -26.23 -20.75 18.30
N GLU A 140 -26.65 -19.73 19.05
CA GLU A 140 -26.95 -18.44 18.45
C GLU A 140 -25.72 -17.84 17.80
N LYS A 141 -25.84 -17.48 16.52
CA LYS A 141 -24.73 -16.91 15.78
C LYS A 141 -24.72 -15.41 15.93
N THR A 142 -23.57 -14.85 16.27
CA THR A 142 -23.36 -13.42 16.29
C THR A 142 -22.20 -13.09 15.37
N LEU A 143 -22.29 -11.95 14.71
CA LEU A 143 -21.27 -11.51 13.78
C LEU A 143 -20.39 -10.48 14.46
N ILE A 144 -19.08 -10.57 14.22
CA ILE A 144 -18.15 -9.58 14.73
C ILE A 144 -17.01 -9.45 13.74
N GLY A 145 -16.53 -8.22 13.57
CA GLY A 145 -15.57 -7.95 12.53
C GLY A 145 -14.24 -8.61 12.79
N TYR A 146 -13.53 -8.88 11.69
CA TYR A 146 -12.14 -9.25 11.78
C TYR A 146 -11.30 -8.04 12.14
N PRO A 147 -10.20 -8.23 12.86
CA PRO A 147 -9.38 -7.09 13.26
C PRO A 147 -8.54 -6.57 12.12
N TYR A 148 -8.23 -5.29 12.17
CA TYR A 148 -7.35 -4.70 11.18
C TYR A 148 -6.67 -3.48 11.79
N ALA A 149 -5.63 -3.01 11.12
CA ALA A 149 -4.85 -1.88 11.59
C ALA A 149 -5.00 -0.72 10.62
N VAL A 150 -5.25 0.47 11.16
CA VAL A 150 -5.32 1.66 10.34
C VAL A 150 -3.94 2.29 10.30
N PRO A 151 -3.61 3.09 9.28
CA PRO A 151 -2.31 3.78 9.31
C PRO A 151 -2.18 4.73 10.48
N GLY A 152 -3.28 5.21 10.99
CA GLY A 152 -3.29 6.11 12.13
C GLY A 152 -3.72 7.52 11.74
N GLY A 153 -4.09 8.28 12.75
CA GLY A 153 -4.38 9.69 12.55
C GLY A 153 -5.57 9.88 11.65
N ARG A 154 -5.43 10.78 10.67
CA ARG A 154 -6.53 11.13 9.79
C ARG A 154 -7.10 9.93 9.06
N PHE A 155 -6.34 8.85 8.95
CA PHE A 155 -6.74 7.70 8.16
C PHE A 155 -7.27 6.63 9.09
N ASN A 156 -8.59 6.51 9.14
CA ASN A 156 -9.26 5.59 10.03
C ASN A 156 -9.62 4.28 9.35
N GLU A 157 -9.10 4.02 8.16
CA GLU A 157 -9.55 2.90 7.35
C GLU A 157 -8.41 1.97 7.00
N LEU A 158 -8.78 0.76 6.59
CA LEU A 158 -7.84 -0.22 6.09
C LEU A 158 -7.37 0.19 4.70
N TYR A 159 -6.07 0.36 4.53
CA TYR A 159 -5.50 0.79 3.27
C TYR A 159 -4.75 -0.35 2.63
N GLY A 160 -4.63 -0.28 1.31
CA GLY A 160 -4.07 -1.39 0.59
C GLY A 160 -2.60 -1.65 0.83
N TRP A 161 -1.73 -0.72 0.50
CA TRP A 161 -0.34 -1.11 0.55
C TRP A 161 0.30 -0.86 1.90
N ASP A 162 -0.33 -0.05 2.75
CA ASP A 162 0.15 0.04 4.12
C ASP A 162 0.03 -1.29 4.81
N SER A 163 -1.00 -2.07 4.46
CA SER A 163 -1.38 -3.22 5.27
C SER A 163 -0.40 -4.36 5.14
N TYR A 164 0.30 -4.46 4.01
CA TYR A 164 1.40 -5.42 3.94
C TYR A 164 2.49 -5.03 4.91
N MET A 165 2.91 -3.76 4.87
CA MET A 165 3.92 -3.27 5.77
C MET A 165 3.53 -3.52 7.22
N MET A 166 2.30 -3.21 7.59
CA MET A 166 1.90 -3.38 8.97
C MET A 166 1.82 -4.85 9.35
N ALA A 167 1.36 -5.70 8.44
CA ALA A 167 1.21 -7.10 8.77
C ALA A 167 2.56 -7.73 9.07
N LEU A 168 3.59 -7.32 8.34
CA LEU A 168 4.94 -7.77 8.65
C LEU A 168 5.30 -7.42 10.09
N GLY A 169 5.06 -6.18 10.50
CA GLY A 169 5.37 -5.79 11.85
C GLY A 169 4.52 -6.48 12.89
N LEU A 170 3.26 -6.74 12.58
CA LEU A 170 2.40 -7.40 13.55
C LEU A 170 2.79 -8.85 13.75
N LEU A 171 3.38 -9.48 12.75
CA LEU A 171 3.81 -10.87 12.92
C LEU A 171 5.07 -10.96 13.73
N GLU A 172 5.86 -9.89 13.78
CA GLU A 172 7.01 -9.88 14.67
C GLU A 172 6.57 -9.56 16.10
N ALA A 173 5.51 -8.80 16.27
CA ALA A 173 4.91 -8.54 17.56
C ALA A 173 4.00 -9.67 17.99
N ASN A 174 4.00 -10.75 17.22
CA ASN A 174 3.24 -11.96 17.52
C ASN A 174 1.76 -11.66 17.75
N LYS A 175 1.23 -10.66 17.07
CA LYS A 175 -0.21 -10.52 16.96
C LYS A 175 -0.57 -10.93 15.54
N THR A 176 -0.95 -12.18 15.38
CA THR A 176 -1.24 -12.70 14.05
C THR A 176 -2.67 -12.44 13.65
N ASP A 177 -3.61 -12.53 14.60
CA ASP A 177 -5.00 -12.32 14.29
C ASP A 177 -5.24 -10.98 13.63
N VAL A 178 -4.45 -9.97 13.99
CA VAL A 178 -4.60 -8.68 13.35
C VAL A 178 -4.11 -8.74 11.92
N ALA A 179 -3.04 -9.49 11.67
CA ALA A 179 -2.57 -9.63 10.30
C ALA A 179 -3.50 -10.49 9.48
N ARG A 180 -3.98 -11.60 10.06
CA ARG A 180 -4.90 -12.46 9.35
C ARG A 180 -6.18 -11.72 9.00
N GLY A 181 -6.66 -10.88 9.90
CA GLY A 181 -7.88 -10.15 9.62
C GLY A 181 -7.80 -9.33 8.36
N MET A 182 -6.66 -8.71 8.10
CA MET A 182 -6.52 -7.90 6.91
C MET A 182 -6.54 -8.76 5.66
N VAL A 183 -5.95 -9.95 5.73
CA VAL A 183 -6.05 -10.85 4.59
C VAL A 183 -7.48 -11.24 4.34
N GLU A 184 -8.21 -11.61 5.40
CA GLU A 184 -9.64 -11.84 5.27
C GLU A 184 -10.33 -10.64 4.66
N HIS A 185 -9.82 -9.44 4.93
CA HIS A 185 -10.46 -8.25 4.42
C HIS A 185 -10.15 -8.05 2.95
N PHE A 186 -8.93 -8.32 2.54
CA PHE A 186 -8.62 -8.17 1.13
C PHE A 186 -9.41 -9.16 0.30
N ILE A 187 -9.63 -10.36 0.82
CA ILE A 187 -10.45 -11.33 0.10
C ILE A 187 -11.85 -10.79 -0.09
N PHE A 188 -12.48 -10.37 1.00
CA PHE A 188 -13.78 -9.73 0.94
C PHE A 188 -13.78 -8.53 0.02
N GLU A 189 -12.70 -7.75 0.03
CA GLU A 189 -12.67 -6.56 -0.81
C GLU A 189 -12.68 -6.94 -2.27
N ILE A 190 -12.04 -8.04 -2.62
CA ILE A 190 -11.91 -8.39 -4.02
C ILE A 190 -13.20 -8.97 -4.53
N ASN A 191 -13.85 -9.84 -3.76
CA ASN A 191 -15.10 -10.42 -4.19
C ASN A 191 -16.19 -9.38 -4.33
N HIS A 192 -16.44 -8.62 -3.26
CA HIS A 192 -17.60 -7.73 -3.26
C HIS A 192 -17.35 -6.40 -3.95
N TYR A 193 -16.18 -5.82 -3.76
CA TYR A 193 -15.90 -4.52 -4.34
C TYR A 193 -15.10 -4.58 -5.62
N GLY A 194 -14.69 -5.77 -6.04
CA GLY A 194 -14.08 -5.94 -7.34
C GLY A 194 -12.59 -5.71 -7.42
N LYS A 195 -11.99 -5.15 -6.36
CA LYS A 195 -10.54 -5.00 -6.32
C LYS A 195 -10.14 -4.77 -4.88
N ILE A 196 -8.84 -4.61 -4.66
CA ILE A 196 -8.34 -4.18 -3.36
C ILE A 196 -8.41 -2.66 -3.35
N LEU A 197 -9.17 -2.13 -2.43
CA LEU A 197 -9.47 -0.71 -2.40
C LEU A 197 -8.33 0.08 -1.79
N ASN A 198 -8.15 1.30 -2.28
CA ASN A 198 -7.27 2.25 -1.64
C ASN A 198 -7.53 2.27 -0.15
N ALA A 199 -8.79 2.37 0.23
CA ALA A 199 -9.26 2.18 1.60
C ALA A 199 -10.74 1.91 1.50
N ASN A 200 -11.35 1.42 2.55
CA ASN A 200 -12.74 1.06 2.43
C ASN A 200 -13.59 2.26 2.80
N ARG A 201 -13.96 3.03 1.79
CA ARG A 201 -14.85 4.18 1.90
C ARG A 201 -15.51 4.37 0.56
N SER A 202 -16.67 5.04 0.59
CA SER A 202 -17.40 5.26 -0.65
C SER A 202 -16.50 5.85 -1.72
N TYR A 203 -15.69 6.84 -1.38
CA TYR A 203 -14.98 7.57 -2.42
C TYR A 203 -13.74 6.87 -2.93
N TYR A 204 -13.41 5.70 -2.40
CA TYR A 204 -12.31 4.90 -2.90
C TYR A 204 -12.74 3.75 -3.80
N LEU A 205 -14.04 3.58 -4.03
CA LEU A 205 -14.53 2.36 -4.65
C LEU A 205 -14.04 2.17 -6.08
N CYS A 206 -13.56 3.21 -6.73
CA CYS A 206 -12.99 3.06 -8.05
C CYS A 206 -11.48 2.98 -8.04
N ARG A 207 -10.85 3.15 -6.89
CA ARG A 207 -9.40 3.18 -6.79
C ARG A 207 -8.88 1.89 -6.16
N SER A 208 -7.56 1.79 -6.09
CA SER A 208 -6.86 0.62 -5.59
C SER A 208 -5.50 1.09 -5.10
N GLN A 209 -4.55 0.16 -5.02
CA GLN A 209 -3.23 0.44 -4.49
C GLN A 209 -2.36 -0.78 -4.74
N PRO A 210 -1.04 -0.62 -4.70
CA PRO A 210 -0.15 -1.69 -5.18
C PRO A 210 -0.45 -3.02 -4.50
N PRO A 211 -0.60 -4.09 -5.28
CA PRO A 211 -1.00 -5.39 -4.71
C PRO A 211 0.17 -6.11 -4.05
N PHE A 212 -0.02 -6.50 -2.79
CA PHE A 212 0.86 -7.44 -2.11
C PHE A 212 0.21 -8.74 -1.71
N LEU A 213 -1.04 -8.98 -2.07
CA LEU A 213 -1.83 -10.03 -1.41
C LEU A 213 -1.15 -11.39 -1.44
N THR A 214 -0.44 -11.72 -2.50
CA THR A 214 0.16 -13.04 -2.57
C THR A 214 1.21 -13.22 -1.49
N GLU A 215 2.23 -12.36 -1.48
CA GLU A 215 3.26 -12.43 -0.46
C GLU A 215 2.65 -12.21 0.92
N MET A 216 1.71 -11.28 1.03
CA MET A 216 1.01 -11.11 2.30
C MET A 216 0.30 -12.39 2.72
N ALA A 217 -0.15 -13.20 1.78
CA ALA A 217 -0.78 -14.45 2.18
C ALA A 217 0.26 -15.47 2.63
N LEU A 218 1.41 -15.49 1.98
CA LEU A 218 2.43 -16.48 2.31
C LEU A 218 2.99 -16.26 3.70
N VAL A 219 3.25 -15.01 4.07
CA VAL A 219 3.87 -14.78 5.36
C VAL A 219 2.90 -15.06 6.49
N VAL A 220 1.59 -14.91 6.24
CA VAL A 220 0.64 -15.28 7.28
C VAL A 220 0.42 -16.78 7.27
N PHE A 221 0.51 -17.40 6.11
CA PHE A 221 0.37 -18.83 6.04
C PHE A 221 1.46 -19.52 6.85
N LYS A 222 2.71 -19.11 6.63
CA LYS A 222 3.83 -19.71 7.35
C LYS A 222 3.73 -19.46 8.85
N LYS A 223 3.24 -18.29 9.27
CA LYS A 223 3.17 -17.99 10.69
C LYS A 223 2.15 -18.85 11.41
N LEU A 224 1.05 -19.16 10.75
CA LEU A 224 -0.02 -19.98 11.34
C LEU A 224 0.35 -21.44 11.44
N GLY A 225 1.52 -21.84 10.96
CA GLY A 225 1.94 -23.22 10.97
C GLY A 225 1.97 -23.90 9.62
N GLY A 226 1.64 -23.18 8.55
CA GLY A 226 1.75 -23.76 7.22
C GLY A 226 0.75 -24.88 7.00
N ARG A 227 1.16 -25.88 6.23
CA ARG A 227 0.26 -26.97 5.90
C ARG A 227 -0.23 -27.72 7.13
N SER A 228 0.47 -27.59 8.26
CA SER A 228 0.04 -28.26 9.47
C SER A 228 -1.32 -27.74 9.91
N ASN A 229 -1.57 -26.47 9.71
CA ASN A 229 -2.81 -25.87 10.17
C ASN A 229 -3.86 -25.91 9.08
N PRO A 230 -4.95 -26.67 9.25
CA PRO A 230 -5.96 -26.72 8.19
C PRO A 230 -6.62 -25.38 7.94
N ASP A 231 -6.84 -24.58 8.98
CA ASP A 231 -7.34 -23.23 8.76
C ASP A 231 -6.36 -22.41 7.95
N ALA A 232 -5.06 -22.63 8.13
CA ALA A 232 -4.07 -21.88 7.37
C ALA A 232 -4.18 -22.21 5.89
N VAL A 233 -4.29 -23.49 5.56
CA VAL A 233 -4.37 -23.88 4.16
C VAL A 233 -5.64 -23.35 3.53
N ASP A 234 -6.75 -23.43 4.25
CA ASP A 234 -7.99 -22.85 3.74
C ASP A 234 -7.78 -21.40 3.38
N LEU A 235 -7.24 -20.62 4.31
CA LEU A 235 -6.97 -19.22 4.06
C LEU A 235 -6.08 -19.04 2.84
N LEU A 236 -5.01 -19.83 2.75
CA LEU A 236 -4.10 -19.68 1.62
C LEU A 236 -4.83 -19.83 0.31
N LYS A 237 -5.70 -20.83 0.20
CA LYS A 237 -6.42 -21.03 -1.05
C LYS A 237 -7.33 -19.86 -1.37
N ARG A 238 -8.18 -19.47 -0.42
CA ARG A 238 -9.09 -18.36 -0.67
C ARG A 238 -8.36 -17.08 -1.03
N ALA A 239 -7.16 -16.87 -0.47
CA ALA A 239 -6.44 -15.66 -0.80
C ALA A 239 -5.81 -15.76 -2.18
N PHE A 240 -5.39 -16.94 -2.58
CA PHE A 240 -4.87 -17.06 -3.93
C PHE A 240 -5.98 -17.13 -4.97
N GLN A 241 -7.12 -17.74 -4.64
CA GLN A 241 -8.27 -17.62 -5.51
C GLN A 241 -8.57 -16.15 -5.79
N ALA A 242 -8.69 -15.36 -4.72
CA ALA A 242 -8.90 -13.93 -4.90
C ALA A 242 -7.73 -13.26 -5.59
N SER A 243 -6.50 -13.68 -5.31
CA SER A 243 -5.37 -13.03 -5.97
C SER A 243 -5.41 -13.29 -7.46
N ILE A 244 -5.80 -14.49 -7.85
CA ILE A 244 -5.84 -14.78 -9.28
C ILE A 244 -6.90 -13.94 -9.96
N LYS A 245 -8.02 -13.73 -9.29
CA LYS A 245 -9.06 -12.89 -9.88
C LYS A 245 -8.61 -11.45 -9.93
N GLU A 246 -7.97 -10.94 -8.88
CA GLU A 246 -7.47 -9.57 -8.94
C GLU A 246 -6.50 -9.39 -10.07
N TYR A 247 -5.64 -10.38 -10.30
CA TYR A 247 -4.71 -10.29 -11.41
C TYR A 247 -5.44 -10.14 -12.74
N LYS A 248 -6.35 -11.07 -13.03
CA LYS A 248 -6.99 -11.05 -14.33
C LYS A 248 -7.94 -9.86 -14.47
N THR A 249 -8.87 -9.69 -13.53
CA THR A 249 -9.92 -8.71 -13.71
C THR A 249 -9.49 -7.29 -13.40
N VAL A 250 -8.35 -7.10 -12.74
CA VAL A 250 -7.96 -5.74 -12.43
C VAL A 250 -6.70 -5.37 -13.19
N TRP A 251 -5.58 -5.96 -12.79
CA TRP A 251 -4.30 -5.40 -13.19
C TRP A 251 -3.96 -5.77 -14.63
N THR A 252 -4.33 -6.96 -15.07
CA THR A 252 -4.14 -7.37 -16.44
C THR A 252 -5.37 -7.14 -17.29
N ALA A 253 -6.40 -6.50 -16.75
CA ALA A 253 -7.52 -6.10 -17.57
C ALA A 253 -7.33 -4.68 -18.08
N SER A 254 -8.26 -4.25 -18.93
CA SER A 254 -8.23 -2.88 -19.42
C SER A 254 -9.11 -2.04 -18.53
N PRO A 255 -8.84 -0.73 -18.44
CA PRO A 255 -7.83 0.12 -19.09
C PRO A 255 -6.41 -0.04 -18.61
N ARG A 256 -6.22 -0.68 -17.47
CA ARG A 256 -4.90 -0.69 -16.85
C ARG A 256 -3.88 -1.38 -17.74
N LEU A 257 -4.21 -2.54 -18.28
CA LEU A 257 -3.31 -3.24 -19.18
C LEU A 257 -3.09 -2.47 -20.48
N ASP A 258 -1.83 -2.31 -20.86
CA ASP A 258 -1.50 -1.78 -22.18
C ASP A 258 -1.37 -2.94 -23.15
N PRO A 259 -2.17 -2.99 -24.22
CA PRO A 259 -2.09 -4.17 -25.10
C PRO A 259 -0.76 -4.31 -25.83
N GLU A 260 -0.17 -3.19 -26.28
CA GLU A 260 1.05 -3.29 -27.08
C GLU A 260 2.20 -3.85 -26.26
N THR A 261 2.52 -3.21 -25.15
CA THR A 261 3.63 -3.66 -24.31
C THR A 261 3.25 -4.84 -23.43
N GLY A 262 1.98 -5.07 -23.18
CA GLY A 262 1.62 -6.12 -22.26
C GLY A 262 1.87 -5.79 -20.81
N LEU A 263 2.26 -4.55 -20.53
CA LEU A 263 2.52 -4.10 -19.17
C LEU A 263 1.35 -3.28 -18.67
N SER A 264 1.11 -3.35 -17.36
CA SER A 264 -0.03 -2.72 -16.73
C SER A 264 0.35 -1.36 -16.16
N ARG A 265 -0.65 -0.46 -16.15
CA ARG A 265 -0.49 0.90 -15.68
C ARG A 265 -1.56 1.20 -14.63
N TYR A 266 -1.41 2.31 -13.93
CA TYR A 266 -2.38 2.70 -12.92
C TYR A 266 -3.43 3.56 -13.59
N HIS A 267 -4.64 3.02 -13.74
CA HIS A 267 -5.69 3.64 -14.54
C HIS A 267 -7.03 3.44 -13.84
N PRO A 268 -7.25 4.11 -12.72
CA PRO A 268 -8.53 3.97 -12.03
C PRO A 268 -9.64 4.60 -12.85
N ASN A 269 -10.85 4.08 -12.66
CA ASN A 269 -12.01 4.54 -13.41
C ASN A 269 -12.74 5.67 -12.72
N GLY A 270 -12.21 6.20 -11.64
CA GLY A 270 -12.86 7.27 -10.90
C GLY A 270 -13.30 8.42 -11.77
N LEU A 271 -14.39 9.07 -11.38
CA LEU A 271 -15.02 10.11 -12.17
C LEU A 271 -15.14 11.38 -11.34
N GLY A 272 -14.77 12.50 -11.93
CA GLY A 272 -14.92 13.78 -11.28
C GLY A 272 -13.72 14.15 -10.42
N ILE A 273 -13.93 15.14 -9.57
CA ILE A 273 -12.91 15.60 -8.65
C ILE A 273 -12.98 14.79 -7.37
N PRO A 274 -11.87 14.26 -6.89
CA PRO A 274 -11.90 13.44 -5.68
C PRO A 274 -12.33 14.26 -4.48
N PRO A 275 -13.30 13.75 -3.72
CA PRO A 275 -13.85 14.53 -2.61
C PRO A 275 -12.90 14.66 -1.44
N GLU A 276 -12.03 13.70 -1.23
CA GLU A 276 -11.34 13.61 0.05
C GLU A 276 -10.16 14.56 0.17
N THR A 277 -9.85 15.34 -0.86
CA THR A 277 -8.74 16.25 -0.77
C THR A 277 -9.16 17.52 -0.06
N GLU A 278 -8.29 18.51 -0.08
CA GLU A 278 -8.60 19.80 0.49
C GLU A 278 -9.51 20.59 -0.44
N SER A 279 -10.42 21.35 0.16
CA SER A 279 -11.29 22.21 -0.63
C SER A 279 -10.48 23.16 -1.51
N ASP A 280 -9.31 23.57 -1.04
CA ASP A 280 -8.44 24.46 -1.78
C ASP A 280 -7.52 23.72 -2.74
N HIS A 281 -7.45 22.40 -2.64
CA HIS A 281 -6.33 21.67 -3.21
C HIS A 281 -6.19 21.93 -4.70
N PHE A 282 -7.27 21.72 -5.44
CA PHE A 282 -7.22 21.83 -6.88
C PHE A 282 -7.49 23.23 -7.39
N ASP A 283 -7.83 24.17 -6.50
CA ASP A 283 -8.25 25.49 -6.94
C ASP A 283 -7.28 26.14 -7.90
N THR A 284 -6.01 25.80 -7.84
CA THR A 284 -5.06 26.51 -8.67
C THR A 284 -5.14 26.06 -10.12
N VAL A 285 -5.31 24.76 -10.37
CA VAL A 285 -5.39 24.27 -11.75
C VAL A 285 -6.78 24.47 -12.32
N LEU A 286 -7.80 24.50 -11.48
CA LEU A 286 -9.17 24.73 -11.92
C LEU A 286 -9.42 26.17 -12.33
N LEU A 287 -8.81 27.12 -11.65
CA LEU A 287 -9.14 28.52 -11.90
C LEU A 287 -8.97 28.95 -13.34
N PRO A 288 -7.94 28.54 -14.09
CA PRO A 288 -7.90 28.92 -15.50
C PRO A 288 -9.07 28.40 -16.29
N TYR A 289 -9.56 27.21 -15.98
CA TYR A 289 -10.68 26.68 -16.76
C TYR A 289 -11.96 27.42 -16.43
N ALA A 290 -12.18 27.76 -15.16
CA ALA A 290 -13.35 28.55 -14.81
C ALA A 290 -13.37 29.88 -15.56
N SER A 291 -12.22 30.55 -15.62
CA SER A 291 -12.18 31.82 -16.33
C SER A 291 -12.41 31.64 -17.81
N LYS A 292 -11.96 30.52 -18.37
CA LYS A 292 -12.25 30.22 -19.76
C LYS A 292 -13.75 30.07 -19.98
N HIS A 293 -14.45 29.55 -18.98
CA HIS A 293 -15.89 29.38 -19.01
C HIS A 293 -16.65 30.51 -18.33
N GLY A 294 -15.97 31.57 -17.95
CA GLY A 294 -16.65 32.77 -17.51
C GLY A 294 -17.57 32.62 -16.32
N VAL A 295 -17.31 31.68 -15.43
CA VAL A 295 -18.09 31.55 -14.21
C VAL A 295 -17.16 31.50 -13.03
N THR A 296 -17.74 31.69 -11.84
CA THR A 296 -16.96 31.56 -10.64
C THR A 296 -16.49 30.12 -10.47
N LEU A 297 -15.41 29.96 -9.70
CA LEU A 297 -14.82 28.64 -9.56
C LEU A 297 -15.77 27.69 -8.85
N ASP A 298 -16.36 28.12 -7.74
CA ASP A 298 -17.26 27.25 -7.01
C ASP A 298 -18.43 26.80 -7.87
N GLU A 299 -18.85 27.63 -8.83
CA GLU A 299 -19.82 27.15 -9.79
C GLU A 299 -19.17 26.19 -10.78
N PHE A 300 -17.97 26.52 -11.25
CA PHE A 300 -17.28 25.62 -12.16
C PHE A 300 -17.07 24.26 -11.53
N LYS A 301 -16.80 24.22 -10.23
CA LYS A 301 -16.67 22.94 -9.57
C LYS A 301 -17.96 22.15 -9.67
N GLN A 302 -19.08 22.78 -9.31
CA GLN A 302 -20.34 22.03 -9.28
C GLN A 302 -20.78 21.62 -10.67
N LEU A 303 -20.64 22.51 -11.64
CA LEU A 303 -21.06 22.17 -13.00
C LEU A 303 -20.17 21.08 -13.60
N TYR A 304 -18.92 21.01 -13.18
CA TYR A 304 -18.05 19.94 -13.65
C TYR A 304 -18.45 18.61 -13.03
N ASN A 305 -18.73 18.60 -11.73
CA ASN A 305 -19.21 17.39 -11.08
C ASN A 305 -20.62 17.02 -11.51
N ASP A 306 -21.34 17.94 -12.13
CA ASP A 306 -22.63 17.63 -12.74
C ASP A 306 -22.49 17.18 -14.17
N GLY A 307 -21.26 17.04 -14.67
CA GLY A 307 -21.02 16.58 -16.01
C GLY A 307 -21.28 17.59 -17.09
N LYS A 308 -21.66 18.82 -16.74
CA LYS A 308 -22.06 19.79 -17.74
C LYS A 308 -20.88 20.27 -18.57
N ILE A 309 -19.76 20.60 -17.94
CA ILE A 309 -18.61 21.05 -18.69
C ILE A 309 -17.86 19.83 -19.22
N LYS A 310 -17.51 19.86 -20.49
CA LYS A 310 -16.64 18.84 -21.08
C LYS A 310 -15.35 19.54 -21.46
N GLU A 311 -14.32 19.30 -20.66
CA GLU A 311 -12.97 19.75 -20.97
C GLU A 311 -12.07 18.54 -21.09
N PRO A 312 -11.67 18.14 -22.29
CA PRO A 312 -10.83 16.95 -22.41
C PRO A 312 -9.51 17.08 -21.67
N LYS A 313 -8.81 18.21 -21.83
CA LYS A 313 -7.48 18.34 -21.23
C LYS A 313 -7.56 18.26 -19.72
N LEU A 314 -8.61 18.80 -19.13
CA LEU A 314 -8.77 18.71 -17.69
C LEU A 314 -9.29 17.35 -17.26
N ASP A 315 -10.12 16.71 -18.08
CA ASP A 315 -10.57 15.36 -17.76
C ASP A 315 -9.40 14.41 -17.65
N GLU A 316 -8.37 14.63 -18.45
CA GLU A 316 -7.22 13.74 -18.41
C GLU A 316 -6.39 14.00 -17.18
N PHE A 317 -6.20 15.27 -16.83
CA PHE A 317 -5.46 15.62 -15.63
C PHE A 317 -5.98 14.86 -14.42
N PHE A 318 -7.27 15.00 -14.13
CA PHE A 318 -7.83 14.25 -13.02
C PHE A 318 -7.73 12.76 -13.21
N LEU A 319 -7.59 12.29 -14.43
CA LEU A 319 -7.33 10.87 -14.61
C LEU A 319 -5.95 10.52 -14.09
N HIS A 320 -4.95 11.32 -14.45
CA HIS A 320 -3.60 11.10 -13.95
C HIS A 320 -3.54 11.28 -12.45
N ASP A 321 -4.33 12.23 -11.92
CA ASP A 321 -4.39 12.41 -10.49
C ASP A 321 -4.81 11.13 -9.79
N ARG A 322 -5.91 10.52 -10.24
CA ARG A 322 -6.36 9.29 -9.62
C ARG A 322 -5.34 8.17 -9.78
N GLY A 323 -4.58 8.19 -10.87
CA GLY A 323 -3.53 7.21 -11.04
C GLY A 323 -2.39 7.41 -10.06
N VAL A 324 -2.08 8.67 -9.74
CA VAL A 324 -1.05 8.92 -8.74
C VAL A 324 -1.52 8.44 -7.38
N ARG A 325 -2.80 8.64 -7.07
CA ARG A 325 -3.31 8.17 -5.80
C ARG A 325 -3.44 6.66 -5.76
N GLU A 326 -3.53 6.00 -6.92
CA GLU A 326 -3.55 4.55 -6.92
C GLU A 326 -2.16 3.96 -6.75
N SER A 327 -1.14 4.73 -7.09
CA SER A 327 0.24 4.31 -6.91
C SER A 327 0.72 4.50 -5.49
N GLY A 328 -0.06 5.14 -4.63
CA GLY A 328 0.34 5.40 -3.28
C GLY A 328 1.41 6.45 -3.13
N HIS A 329 1.96 6.93 -4.22
CA HIS A 329 3.07 7.88 -4.21
C HIS A 329 2.61 9.33 -4.27
N ASP A 330 1.32 9.59 -4.13
CA ASP A 330 0.86 10.96 -4.17
C ASP A 330 1.49 11.77 -3.05
N THR A 331 2.18 12.85 -3.39
CA THR A 331 2.43 13.19 -4.79
C THR A 331 3.92 13.23 -5.08
N THR A 332 4.28 12.98 -6.33
CA THR A 332 5.68 12.99 -6.76
C THR A 332 5.75 13.57 -8.17
N TYR A 333 6.93 14.09 -8.52
CA TYR A 333 7.07 14.72 -9.82
C TYR A 333 7.17 13.71 -10.94
N ARG A 334 7.59 12.48 -10.66
CA ARG A 334 7.61 11.50 -11.73
C ARG A 334 6.21 11.06 -12.12
N PHE A 335 5.20 11.46 -11.38
CA PHE A 335 3.83 11.04 -11.60
C PHE A 335 2.92 12.19 -12.01
N GLU A 336 2.82 13.22 -11.18
CA GLU A 336 1.89 14.31 -11.44
C GLU A 336 2.06 14.81 -12.87
N GLY A 337 0.93 14.90 -13.57
CA GLY A 337 0.92 15.23 -14.98
C GLY A 337 1.54 14.21 -15.88
N VAL A 338 1.87 13.03 -15.37
CA VAL A 338 2.64 12.06 -16.12
C VAL A 338 1.92 10.72 -16.10
N CYS A 339 1.73 10.16 -14.91
CA CYS A 339 1.43 8.73 -14.79
C CYS A 339 -0.06 8.51 -14.91
N ALA A 340 -0.45 8.08 -16.09
CA ALA A 340 -1.64 7.29 -16.33
C ALA A 340 -1.15 6.32 -17.37
N TYR A 341 -0.66 6.90 -18.46
CA TYR A 341 -0.02 6.16 -19.52
C TYR A 341 1.24 5.43 -19.09
N LEU A 342 1.75 5.74 -17.90
CA LEU A 342 3.05 5.21 -17.47
C LEU A 342 2.93 3.78 -16.97
N ALA A 343 3.82 2.92 -17.44
CA ALA A 343 3.96 1.58 -16.93
C ALA A 343 5.17 1.58 -16.00
N THR A 344 4.92 1.44 -14.71
CA THR A 344 5.90 1.72 -13.69
C THR A 344 6.65 0.45 -13.32
N ILE A 345 7.93 0.64 -12.98
CA ILE A 345 8.69 -0.45 -12.39
C ILE A 345 7.97 -0.98 -11.16
N ASP A 346 7.27 -0.12 -10.43
CA ASP A 346 6.53 -0.47 -9.24
C ASP A 346 5.53 -1.59 -9.50
N LEU A 347 4.48 -1.25 -10.24
CA LEU A 347 3.36 -2.16 -10.44
C LEU A 347 3.80 -3.44 -11.14
N ASN A 348 4.63 -3.31 -12.16
CA ASN A 348 4.98 -4.50 -12.90
C ASN A 348 5.91 -5.41 -12.13
N SER A 349 6.66 -4.87 -11.17
CA SER A 349 7.45 -5.74 -10.30
C SER A 349 6.55 -6.55 -9.38
N LEU A 350 5.60 -5.91 -8.73
CA LEU A 350 4.69 -6.65 -7.87
C LEU A 350 3.84 -7.63 -8.64
N LEU A 351 3.64 -7.41 -9.93
CA LEU A 351 2.90 -8.39 -10.71
C LEU A 351 3.76 -9.62 -10.97
N TYR A 352 5.04 -9.42 -11.27
CA TYR A 352 5.95 -10.55 -11.35
C TYR A 352 5.88 -11.40 -10.09
N LYS A 353 5.89 -10.78 -8.92
CA LYS A 353 5.76 -11.55 -7.70
C LYS A 353 4.43 -12.30 -7.67
N TYR A 354 3.36 -11.66 -8.13
CA TYR A 354 2.08 -12.34 -8.19
C TYR A 354 2.17 -13.58 -9.06
N GLU A 355 2.75 -13.44 -10.25
CA GLU A 355 2.79 -14.55 -11.19
C GLU A 355 3.59 -15.71 -10.62
N ILE A 356 4.71 -15.41 -9.96
CA ILE A 356 5.51 -16.47 -9.35
C ILE A 356 4.76 -17.11 -8.19
N ASP A 357 4.15 -16.29 -7.35
CA ASP A 357 3.46 -16.85 -6.20
C ASP A 357 2.29 -17.71 -6.64
N ILE A 358 1.56 -17.26 -7.65
CA ILE A 358 0.42 -18.02 -8.11
C ILE A 358 0.86 -19.36 -8.68
N ALA A 359 1.89 -19.35 -9.52
CA ALA A 359 2.43 -20.60 -10.05
C ALA A 359 2.69 -21.60 -8.93
N ASP A 360 3.44 -21.19 -7.91
CA ASP A 360 3.75 -22.10 -6.82
C ASP A 360 2.48 -22.66 -6.19
N PHE A 361 1.50 -21.80 -5.97
CA PHE A 361 0.28 -22.26 -5.31
C PHE A 361 -0.40 -23.37 -6.10
N ILE A 362 -0.50 -23.19 -7.41
CA ILE A 362 -1.20 -24.18 -8.21
C ILE A 362 -0.44 -25.50 -8.25
N LYS A 363 0.90 -25.43 -8.38
CA LYS A 363 1.68 -26.65 -8.48
C LYS A 363 1.59 -27.48 -7.22
N GLU A 364 1.46 -26.84 -6.06
CA GLU A 364 1.40 -27.60 -4.81
C GLU A 364 -0.03 -28.01 -4.50
N PHE A 365 -0.88 -27.04 -4.18
CA PHE A 365 -2.20 -27.35 -3.64
C PHE A 365 -3.22 -27.70 -4.70
N CYS A 366 -3.06 -27.20 -5.92
CA CYS A 366 -4.01 -27.44 -6.99
C CYS A 366 -3.59 -28.58 -7.92
N ASP A 367 -2.52 -29.30 -7.58
CA ASP A 367 -2.04 -30.41 -8.39
C ASP A 367 -1.68 -29.95 -9.80
N ASP A 368 -1.20 -28.71 -9.90
CA ASP A 368 -0.75 -28.09 -11.14
C ASP A 368 -1.86 -27.99 -12.17
N LYS A 369 -3.10 -28.00 -11.72
CA LYS A 369 -4.25 -27.74 -12.58
C LYS A 369 -5.20 -26.83 -11.83
N TYR A 370 -5.42 -25.63 -12.34
CA TYR A 370 -6.34 -24.70 -11.72
C TYR A 370 -7.33 -24.21 -12.75
N GLU A 371 -8.61 -24.29 -12.43
CA GLU A 371 -9.69 -23.82 -13.27
C GLU A 371 -10.42 -22.72 -12.52
N ASP A 372 -10.31 -21.51 -13.00
CA ASP A 372 -11.01 -20.39 -12.41
C ASP A 372 -12.50 -20.67 -12.43
N PRO A 373 -13.17 -20.71 -11.28
CA PRO A 373 -14.61 -20.97 -11.28
C PRO A 373 -15.43 -19.89 -11.96
N LEU A 374 -14.85 -18.72 -12.16
CA LEU A 374 -15.61 -17.63 -12.77
C LEU A 374 -15.68 -17.79 -14.27
N ASP A 375 -14.55 -17.76 -14.95
CA ASP A 375 -14.51 -17.87 -16.39
C ASP A 375 -14.15 -19.27 -16.88
N HIS A 376 -13.95 -20.22 -15.97
CA HIS A 376 -13.70 -21.61 -16.33
C HIS A 376 -12.42 -21.75 -17.13
N SER A 377 -11.42 -20.95 -16.78
CA SER A 377 -10.15 -20.94 -17.47
C SER A 377 -9.18 -21.88 -16.78
N ILE A 378 -8.63 -22.82 -17.52
CA ILE A 378 -7.66 -23.77 -17.01
C ILE A 378 -6.27 -23.19 -17.18
N THR A 379 -5.45 -23.32 -16.14
CA THR A 379 -4.08 -22.83 -16.13
C THR A 379 -3.20 -23.79 -15.36
N THR A 380 -1.94 -23.84 -15.75
CA THR A 380 -0.91 -24.60 -15.07
C THR A 380 0.22 -23.68 -14.64
N SER A 381 0.93 -24.11 -13.60
CA SER A 381 2.08 -23.36 -13.10
C SER A 381 3.06 -23.06 -14.23
N ALA A 382 3.26 -24.01 -15.12
CA ALA A 382 4.15 -23.77 -16.25
C ALA A 382 3.70 -22.55 -17.03
N MET A 383 2.40 -22.34 -17.15
CA MET A 383 1.91 -21.18 -17.88
C MET A 383 2.22 -19.90 -17.15
N TRP A 384 1.85 -19.83 -15.87
CA TRP A 384 2.20 -18.69 -15.05
C TRP A 384 3.70 -18.44 -15.07
N LYS A 385 4.49 -19.45 -14.75
CA LYS A 385 5.93 -19.28 -14.79
C LYS A 385 6.37 -18.77 -16.15
N GLU A 386 5.68 -19.16 -17.21
CA GLU A 386 5.93 -18.55 -18.51
C GLU A 386 5.58 -17.07 -18.47
N MET A 387 4.35 -16.72 -18.10
CA MET A 387 3.92 -15.33 -18.12
C MET A 387 4.92 -14.42 -17.42
N ALA A 388 5.45 -14.86 -16.28
CA ALA A 388 6.45 -14.06 -15.58
C ALA A 388 7.72 -13.92 -16.38
N LYS A 389 8.12 -14.97 -17.09
CA LYS A 389 9.29 -14.86 -17.94
C LYS A 389 9.10 -13.79 -19.00
N ILE A 390 7.92 -13.73 -19.63
CA ILE A 390 7.70 -12.68 -20.62
C ILE A 390 7.74 -11.31 -19.97
N ARG A 391 7.07 -11.18 -18.82
CA ARG A 391 7.09 -9.91 -18.11
C ARG A 391 8.52 -9.48 -17.82
N GLN A 392 9.34 -10.39 -17.31
CA GLN A 392 10.73 -10.06 -17.03
C GLN A 392 11.46 -9.64 -18.30
N GLU A 393 11.17 -10.29 -19.43
CA GLU A 393 11.77 -9.87 -20.69
C GLU A 393 11.30 -8.47 -21.08
N LYS A 394 9.99 -8.25 -21.04
CA LYS A 394 9.48 -6.98 -21.51
C LYS A 394 9.86 -5.83 -20.58
N ILE A 395 9.96 -6.10 -19.28
CA ILE A 395 10.43 -5.06 -18.37
C ILE A 395 11.85 -4.66 -18.73
N THR A 396 12.71 -5.64 -18.91
CA THR A 396 14.08 -5.34 -19.32
C THR A 396 14.09 -4.59 -20.63
N LYS A 397 13.23 -4.99 -21.56
CA LYS A 397 13.20 -4.31 -22.84
C LYS A 397 12.90 -2.83 -22.67
N TYR A 398 11.78 -2.52 -22.03
CA TYR A 398 11.29 -1.16 -22.02
C TYR A 398 11.76 -0.33 -20.83
N MET A 399 12.49 -0.91 -19.89
CA MET A 399 12.81 -0.18 -18.65
C MET A 399 14.29 -0.15 -18.30
N TRP A 400 14.89 -1.32 -18.18
CA TRP A 400 16.26 -1.41 -17.67
C TRP A 400 17.23 -0.58 -18.49
N ASP A 401 18.14 0.09 -17.78
CA ASP A 401 19.21 0.87 -18.40
C ASP A 401 20.53 0.43 -17.80
N ASP A 402 21.35 -0.23 -18.61
CA ASP A 402 22.59 -0.79 -18.10
C ASP A 402 23.62 0.28 -17.77
N GLU A 403 23.59 1.43 -18.45
CA GLU A 403 24.58 2.45 -18.15
C GLU A 403 24.34 3.06 -16.79
N SER A 404 23.13 3.57 -16.56
CA SER A 404 22.83 4.24 -15.30
C SER A 404 22.58 3.26 -14.18
N GLY A 405 22.16 2.05 -14.50
CA GLY A 405 21.89 1.03 -13.49
C GLY A 405 20.50 1.04 -12.92
N PHE A 406 19.59 1.82 -13.48
CA PHE A 406 18.25 1.99 -12.94
C PHE A 406 17.23 1.30 -13.83
N PHE A 407 16.12 0.91 -13.23
CA PHE A 407 14.91 0.58 -13.97
C PHE A 407 14.06 1.83 -14.08
N PHE A 408 13.84 2.30 -15.29
CA PHE A 408 12.98 3.45 -15.47
C PHE A 408 11.58 2.99 -15.85
N ASP A 409 10.67 3.93 -15.97
CA ASP A 409 9.30 3.62 -16.31
C ASP A 409 9.05 3.98 -17.76
N TYR A 410 8.20 3.20 -18.42
CA TYR A 410 7.95 3.37 -19.84
C TYR A 410 6.60 4.05 -20.02
N ASN A 411 6.60 5.11 -20.81
CA ASN A 411 5.37 5.77 -21.19
C ASN A 411 4.75 5.02 -22.35
N THR A 412 3.54 4.53 -22.16
CA THR A 412 2.91 3.77 -23.23
C THR A 412 2.19 4.64 -24.25
N LYS A 413 1.94 5.91 -23.94
CA LYS A 413 1.32 6.77 -24.93
C LYS A 413 2.33 7.22 -25.97
N ILE A 414 3.36 7.96 -25.55
CA ILE A 414 4.36 8.43 -26.49
C ILE A 414 5.45 7.40 -26.76
N LYS A 415 5.33 6.20 -26.20
CA LYS A 415 6.25 5.10 -26.49
C LYS A 415 7.70 5.48 -26.21
N HIS A 416 7.97 5.94 -24.98
CA HIS A 416 9.32 6.34 -24.64
C HIS A 416 9.57 6.08 -23.15
N ARG A 417 10.85 6.00 -22.81
CA ARG A 417 11.28 5.68 -21.46
C ARG A 417 11.55 6.94 -20.65
N THR A 418 11.22 6.89 -19.36
CA THR A 418 11.38 8.01 -18.45
C THR A 418 12.85 8.13 -18.02
N SER A 419 13.27 9.36 -17.73
CA SER A 419 14.62 9.64 -17.26
C SER A 419 14.71 9.78 -15.75
N TYR A 420 13.60 9.64 -15.03
CA TYR A 420 13.55 9.93 -13.61
C TYR A 420 14.09 8.76 -12.80
N GLU A 421 15.08 9.00 -11.96
CA GLU A 421 15.73 7.96 -11.19
C GLU A 421 15.00 7.81 -9.86
N SER A 422 14.32 6.67 -9.69
CA SER A 422 13.46 6.45 -8.53
C SER A 422 13.99 5.36 -7.63
N ALA A 423 13.64 5.46 -6.35
CA ALA A 423 14.04 4.45 -5.39
C ALA A 423 13.24 3.17 -5.55
N THR A 424 12.16 3.19 -6.30
CA THR A 424 11.35 1.99 -6.46
C THR A 424 12.02 0.97 -7.35
N THR A 425 13.13 1.31 -7.97
CA THR A 425 13.82 0.35 -8.81
C THR A 425 14.21 -0.89 -8.03
N PHE A 426 14.39 -0.78 -6.71
CA PHE A 426 14.73 -1.94 -5.92
C PHE A 426 13.59 -2.91 -5.77
N TRP A 427 12.40 -2.58 -6.23
CA TRP A 427 11.32 -3.55 -6.18
C TRP A 427 11.59 -4.70 -7.13
N ALA A 428 12.37 -4.45 -8.19
CA ALA A 428 12.77 -5.53 -9.07
C ALA A 428 13.47 -6.63 -8.31
N LEU A 429 14.33 -6.25 -7.37
CA LEU A 429 14.97 -7.21 -6.49
C LEU A 429 13.95 -7.88 -5.60
N TRP A 430 13.13 -7.09 -4.93
CA TRP A 430 12.11 -7.65 -4.06
C TRP A 430 11.28 -8.68 -4.78
N ALA A 431 10.94 -8.41 -6.04
CA ALA A 431 10.14 -9.36 -6.81
C ALA A 431 10.96 -10.55 -7.29
N GLY A 432 12.24 -10.35 -7.56
CA GLY A 432 13.06 -11.44 -8.05
C GLY A 432 13.11 -11.55 -9.54
N LEU A 433 12.85 -10.47 -10.26
CA LEU A 433 12.85 -10.49 -11.71
C LEU A 433 14.15 -9.99 -12.32
N ALA A 434 15.11 -9.56 -11.51
CA ALA A 434 16.33 -9.01 -12.05
C ALA A 434 17.37 -10.10 -12.15
N THR A 435 18.21 -10.01 -13.18
CA THR A 435 19.33 -10.91 -13.29
C THR A 435 20.44 -10.48 -12.32
N LYS A 436 21.23 -11.47 -11.89
CA LYS A 436 22.37 -11.16 -11.04
C LYS A 436 23.23 -10.07 -11.65
N GLU A 437 23.40 -10.09 -12.96
CA GLU A 437 24.17 -9.03 -13.61
C GLU A 437 23.48 -7.68 -13.42
N GLN A 438 22.16 -7.64 -13.59
CA GLN A 438 21.46 -6.38 -13.39
C GLN A 438 21.60 -5.91 -11.95
N ALA A 439 21.46 -6.83 -11.00
CA ALA A 439 21.43 -6.45 -9.59
C ALA A 439 22.71 -5.74 -9.19
N GLN A 440 23.86 -6.34 -9.47
CA GLN A 440 25.11 -5.74 -9.00
C GLN A 440 25.36 -4.41 -9.70
N LYS A 441 25.14 -4.35 -11.02
CA LYS A 441 25.26 -3.07 -11.72
C LYS A 441 24.36 -2.02 -11.08
N MET A 442 23.23 -2.46 -10.54
CA MET A 442 22.31 -1.56 -9.86
C MET A 442 22.81 -1.20 -8.47
N VAL A 443 23.40 -2.16 -7.77
CA VAL A 443 23.97 -1.87 -6.47
C VAL A 443 25.13 -0.89 -6.60
N GLU A 444 26.01 -1.12 -7.57
CA GLU A 444 27.18 -0.26 -7.71
C GLU A 444 26.80 1.10 -8.28
N LYS A 445 26.08 1.13 -9.40
CA LYS A 445 25.81 2.40 -10.05
C LYS A 445 24.60 3.13 -9.47
N ALA A 446 23.50 2.40 -9.22
CA ALA A 446 22.26 3.09 -8.86
C ALA A 446 22.21 3.47 -7.39
N LEU A 447 22.60 2.55 -6.51
CA LEU A 447 22.45 2.79 -5.08
C LEU A 447 23.15 4.03 -4.57
N PRO A 448 24.38 4.35 -4.97
CA PRO A 448 25.04 5.53 -4.41
C PRO A 448 24.30 6.83 -4.62
N LYS A 449 23.49 6.93 -5.66
CA LYS A 449 22.78 8.17 -5.88
C LYS A 449 21.53 8.27 -5.03
N LEU A 450 21.00 7.15 -4.55
CA LEU A 450 19.84 7.14 -3.68
C LEU A 450 20.16 7.04 -2.19
N GLU A 451 21.41 6.74 -1.83
CA GLU A 451 21.75 6.46 -0.44
C GLU A 451 22.13 7.78 0.23
N MET A 452 21.36 8.18 1.22
CA MET A 452 21.60 9.41 1.93
C MET A 452 21.92 9.09 3.39
N LEU A 453 22.04 10.13 4.21
CA LEU A 453 22.34 9.91 5.61
C LEU A 453 21.31 9.02 6.26
N GLY A 454 20.04 9.25 5.98
CA GLY A 454 19.00 8.51 6.66
C GLY A 454 18.52 7.27 5.95
N GLY A 455 19.33 6.74 5.04
CA GLY A 455 18.85 5.69 4.16
C GLY A 455 18.44 6.16 2.78
N LEU A 456 17.51 5.45 2.14
CA LEU A 456 17.24 5.64 0.72
C LEU A 456 16.27 6.78 0.49
N ALA A 457 16.72 7.80 -0.23
CA ALA A 457 15.81 8.82 -0.70
C ALA A 457 14.92 8.25 -1.78
N ALA A 458 13.72 8.80 -1.89
CA ALA A 458 12.74 8.26 -2.83
C ALA A 458 13.17 8.48 -4.27
N CYS A 459 14.03 9.45 -4.53
CA CYS A 459 14.59 9.64 -5.86
C CYS A 459 15.84 10.49 -5.73
N THR A 460 16.67 10.43 -6.75
CA THR A 460 17.90 11.20 -6.73
C THR A 460 17.61 12.68 -6.86
N GLU A 461 18.54 13.48 -6.33
CA GLU A 461 18.38 14.93 -6.37
C GLU A 461 18.21 15.42 -7.79
N ARG A 462 19.07 14.96 -8.71
CA ARG A 462 18.97 15.36 -10.11
C ARG A 462 17.60 15.05 -10.67
N SER A 463 17.08 13.86 -10.39
CA SER A 463 15.81 13.47 -10.99
C SER A 463 14.70 14.43 -10.56
N ARG A 464 14.80 14.98 -9.36
CA ARG A 464 13.75 15.86 -8.87
C ARG A 464 13.66 17.14 -9.70
N ILE A 473 8.74 21.75 -3.55
CA ILE A 473 9.08 20.59 -2.71
C ILE A 473 7.91 19.62 -2.68
N ARG A 474 7.98 18.58 -3.50
CA ARG A 474 6.94 17.58 -3.54
C ARG A 474 7.01 16.70 -2.30
N GLN A 475 6.10 15.75 -2.20
CA GLN A 475 6.02 14.88 -1.03
C GLN A 475 6.91 13.66 -1.18
N TRP A 476 6.66 12.85 -2.19
CA TRP A 476 7.32 11.56 -2.33
C TRP A 476 8.64 11.64 -3.10
N ASP A 477 9.16 12.83 -3.34
CA ASP A 477 10.46 12.94 -3.97
C ASP A 477 11.53 13.21 -2.93
N TYR A 478 12.76 13.35 -3.42
CA TYR A 478 13.90 13.78 -2.63
C TYR A 478 13.56 15.07 -1.92
N PRO A 479 14.15 15.30 -0.73
CA PRO A 479 15.01 14.45 0.08
C PRO A 479 14.28 13.58 1.09
N PHE A 480 13.22 12.91 0.69
CA PHE A 480 12.37 12.20 1.63
C PHE A 480 12.55 10.71 1.44
N GLY A 481 12.85 10.02 2.52
CA GLY A 481 12.78 8.58 2.53
C GLY A 481 11.46 8.12 3.10
N TRP A 482 11.02 6.96 2.65
CA TRP A 482 9.75 6.44 3.10
C TRP A 482 9.93 5.00 3.52
N ALA A 483 9.16 4.59 4.52
CA ALA A 483 9.30 3.26 5.08
C ALA A 483 9.12 2.16 4.05
N PRO A 484 8.06 2.12 3.24
CA PRO A 484 7.94 1.02 2.28
C PRO A 484 9.13 0.93 1.35
N HIS A 485 9.69 2.06 0.93
CA HIS A 485 10.86 2.00 0.06
C HIS A 485 12.00 1.29 0.76
N GLN A 486 12.17 1.53 2.05
CA GLN A 486 13.25 0.88 2.79
C GLN A 486 12.96 -0.59 2.95
N ILE A 487 11.77 -0.93 3.44
CA ILE A 487 11.42 -2.31 3.73
C ILE A 487 11.61 -3.19 2.52
N LEU A 488 11.11 -2.74 1.38
CA LEU A 488 11.20 -3.57 0.18
C LEU A 488 12.63 -3.69 -0.30
N ALA A 489 13.42 -2.64 -0.16
CA ALA A 489 14.81 -2.73 -0.58
C ALA A 489 15.61 -3.63 0.35
N TRP A 490 15.34 -3.60 1.65
CA TRP A 490 16.06 -4.47 2.55
C TRP A 490 15.88 -5.92 2.14
N GLU A 491 14.63 -6.36 2.04
CA GLU A 491 14.38 -7.75 1.68
C GLU A 491 14.83 -8.05 0.28
N GLY A 492 14.66 -7.09 -0.63
CA GLY A 492 15.11 -7.32 -1.99
C GLY A 492 16.60 -7.51 -2.07
N LEU A 493 17.36 -6.63 -1.43
CA LEU A 493 18.81 -6.77 -1.41
C LEU A 493 19.24 -8.05 -0.71
N ARG A 494 18.50 -8.47 0.31
CA ARG A 494 18.84 -9.70 0.99
C ARG A 494 18.68 -10.90 0.08
N SER A 495 17.60 -10.96 -0.70
CA SER A 495 17.36 -12.11 -1.56
C SER A 495 18.46 -12.28 -2.58
N TYR A 496 18.98 -11.18 -3.11
CA TYR A 496 19.99 -11.24 -4.14
C TYR A 496 21.39 -11.39 -3.58
N GLY A 497 21.52 -11.52 -2.27
CA GLY A 497 22.77 -11.87 -1.65
C GLY A 497 23.51 -10.76 -0.98
N TYR A 498 23.04 -9.52 -1.05
CA TYR A 498 23.71 -8.44 -0.35
C TYR A 498 22.91 -8.16 0.91
N LEU A 499 23.33 -8.74 2.04
CA LEU A 499 22.73 -8.32 3.30
C LEU A 499 23.63 -7.37 4.05
N THR A 500 24.87 -7.19 3.61
CA THR A 500 25.69 -6.18 4.26
C THR A 500 25.23 -4.80 3.85
N VAL A 501 24.74 -4.66 2.62
CA VAL A 501 24.15 -3.40 2.22
C VAL A 501 22.87 -3.17 3.00
N THR A 502 22.13 -4.24 3.28
CA THR A 502 20.92 -4.06 4.06
C THR A 502 21.23 -3.64 5.47
N ASN A 503 22.26 -4.25 6.07
CA ASN A 503 22.67 -3.85 7.41
C ASN A 503 23.04 -2.38 7.44
N ARG A 504 23.81 -1.93 6.45
CA ARG A 504 24.15 -0.52 6.39
C ARG A 504 22.89 0.33 6.26
N LEU A 505 22.09 0.08 5.24
CA LEU A 505 20.90 0.89 5.02
C LEU A 505 19.91 0.81 6.16
N ALA A 506 19.86 -0.31 6.86
CA ALA A 506 18.99 -0.40 8.02
C ALA A 506 19.53 0.43 9.16
N TYR A 507 20.85 0.36 9.41
CA TYR A 507 21.42 1.21 10.43
C TYR A 507 21.08 2.66 10.17
N ARG A 508 21.37 3.14 8.96
CA ARG A 508 21.10 4.53 8.64
C ARG A 508 19.68 4.91 8.98
N TRP A 509 18.72 4.04 8.65
CA TRP A 509 17.33 4.36 8.90
C TRP A 509 17.01 4.31 10.38
N LEU A 510 17.42 3.25 11.07
CA LEU A 510 17.05 3.13 12.46
C LEU A 510 17.73 4.18 13.31
N PHE A 511 18.96 4.54 12.98
CA PHE A 511 19.57 5.65 13.69
C PHE A 511 18.74 6.91 13.54
N MET A 512 18.38 7.27 12.31
CA MET A 512 17.59 8.46 12.10
C MET A 512 16.28 8.41 12.87
N MET A 513 15.63 7.25 12.92
CA MET A 513 14.39 7.15 13.65
C MET A 513 14.63 7.23 15.15
N THR A 514 15.73 6.66 15.62
CA THR A 514 16.01 6.67 17.05
C THR A 514 16.34 8.07 17.54
N LYS A 515 17.18 8.79 16.80
CA LYS A 515 17.52 10.14 17.23
C LYS A 515 16.29 11.01 17.27
N ALA A 516 15.37 10.84 16.33
CA ALA A 516 14.15 11.62 16.35
C ALA A 516 13.29 11.26 17.55
N PHE A 517 13.27 9.99 17.91
CA PHE A 517 12.50 9.58 19.08
C PHE A 517 12.99 10.28 20.34
N VAL A 518 14.30 10.39 20.51
CA VAL A 518 14.82 11.02 21.72
C VAL A 518 14.80 12.54 21.61
N ASP A 519 15.01 13.09 20.42
CA ASP A 519 15.08 14.54 20.30
C ASP A 519 13.70 15.14 20.32
N TYR A 520 12.73 14.46 19.76
CA TYR A 520 11.37 14.96 19.77
C TYR A 520 10.58 14.47 20.96
N ASN A 521 11.22 13.77 21.90
CA ASN A 521 10.57 13.32 23.11
C ASN A 521 9.39 12.41 22.79
N GLY A 522 9.73 11.27 22.21
CA GLY A 522 8.75 10.24 21.93
C GLY A 522 7.84 10.50 20.74
N ILE A 523 8.03 11.58 20.00
CA ILE A 523 7.22 11.82 18.82
C ILE A 523 7.80 11.01 17.66
N VAL A 524 6.97 10.16 17.06
CA VAL A 524 7.30 9.45 15.85
C VAL A 524 6.62 10.17 14.70
N VAL A 525 7.39 10.50 13.67
CA VAL A 525 6.88 11.35 12.60
C VAL A 525 6.64 10.52 11.36
N GLU A 526 5.67 10.95 10.56
CA GLU A 526 5.27 10.19 9.38
C GLU A 526 6.34 10.24 8.30
N LYS A 527 6.86 11.42 8.03
CA LYS A 527 7.82 11.62 6.96
C LYS A 527 9.19 11.92 7.52
N TYR A 528 10.22 11.49 6.82
CA TYR A 528 11.58 11.68 7.27
C TYR A 528 12.42 12.27 6.15
N ASP A 529 13.24 13.26 6.49
CA ASP A 529 14.24 13.78 5.56
C ASP A 529 15.53 13.00 5.82
N VAL A 530 15.94 12.23 4.83
CA VAL A 530 17.10 11.37 5.04
C VAL A 530 18.40 12.11 4.89
N THR A 531 18.37 13.33 4.34
CA THR A 531 19.57 14.11 4.18
C THR A 531 19.85 15.08 5.32
N ARG A 532 18.92 15.23 6.26
CA ARG A 532 19.09 16.22 7.31
C ARG A 532 18.82 15.58 8.66
N GLY A 533 19.00 16.37 9.71
CA GLY A 533 18.88 15.98 11.10
C GLY A 533 17.52 16.35 11.69
N THR A 534 17.53 16.71 12.97
CA THR A 534 16.30 17.00 13.71
C THR A 534 15.97 18.48 13.69
N ASP A 535 14.86 18.83 14.36
CA ASP A 535 14.25 20.16 14.32
C ASP A 535 13.74 20.58 15.69
N PRO A 536 13.15 21.79 15.83
CA PRO A 536 12.35 22.11 17.01
C PRO A 536 10.88 21.69 16.87
N ALA A 553 -1.29 13.36 17.39
CA ALA A 553 -0.84 12.53 18.51
C ALA A 553 0.10 11.42 18.06
N ALA A 554 1.30 11.42 18.61
CA ALA A 554 2.32 10.42 18.30
C ALA A 554 2.22 9.19 19.19
N THR A 555 1.17 9.10 20.01
CA THR A 555 0.98 7.90 20.84
C THR A 555 0.78 6.65 20.01
N GLU A 556 0.22 6.77 18.80
CA GLU A 556 0.10 5.63 17.92
C GLU A 556 1.19 5.56 16.85
N GLY A 557 2.05 6.55 16.76
CA GLY A 557 3.02 6.46 15.69
C GLY A 557 2.36 6.51 14.34
N PHE A 558 3.01 5.90 13.36
CA PHE A 558 2.44 5.76 12.02
C PHE A 558 2.76 4.36 11.53
N GLY A 559 1.74 3.66 11.04
CA GLY A 559 1.78 2.22 10.91
C GLY A 559 3.00 1.63 10.23
N TRP A 560 3.34 2.06 9.03
CA TRP A 560 4.45 1.39 8.38
C TRP A 560 5.79 1.95 8.80
N VAL A 561 5.80 3.09 9.49
CA VAL A 561 7.02 3.56 10.12
C VAL A 561 7.33 2.71 11.35
N ASN A 562 6.32 2.49 12.19
CA ASN A 562 6.47 1.52 13.26
C ASN A 562 7.02 0.21 12.73
N ALA A 563 6.45 -0.32 11.65
CA ALA A 563 6.88 -1.61 11.17
C ALA A 563 8.29 -1.55 10.59
N SER A 564 8.63 -0.45 9.93
CA SER A 564 9.99 -0.33 9.42
C SER A 564 11.02 -0.46 10.54
N TYR A 565 10.66 0.01 11.73
CA TYR A 565 11.62 0.04 12.83
C TYR A 565 11.95 -1.38 13.29
N ILE A 566 10.93 -2.18 13.53
CA ILE A 566 11.16 -3.54 14.00
C ILE A 566 11.80 -4.37 12.90
N LEU A 567 11.24 -4.32 11.70
CA LEU A 567 11.79 -5.11 10.61
C LEU A 567 13.27 -4.79 10.41
N GLY A 568 13.63 -3.53 10.59
CA GLY A 568 15.02 -3.16 10.46
C GLY A 568 15.88 -3.71 11.59
N LEU A 569 15.35 -3.73 12.80
CA LEU A 569 16.13 -4.18 13.94
C LEU A 569 16.49 -5.65 13.85
N LYS A 570 15.73 -6.45 13.13
CA LYS A 570 16.12 -7.84 12.97
C LYS A 570 17.48 -7.96 12.33
N TYR A 571 17.88 -6.99 11.53
CA TYR A 571 19.15 -7.08 10.84
C TYR A 571 20.33 -6.66 11.71
N MET A 572 20.07 -6.18 12.91
CA MET A 572 21.09 -5.59 13.76
C MET A 572 21.55 -6.58 14.82
N ASN A 573 22.86 -6.80 14.91
CA ASN A 573 23.36 -7.58 16.01
C ASN A 573 23.39 -6.74 17.27
N SER A 574 23.76 -7.36 18.38
CA SER A 574 23.65 -6.69 19.66
C SER A 574 24.65 -5.56 19.78
N HIS A 575 25.79 -5.65 19.09
CA HIS A 575 26.70 -4.51 19.08
C HIS A 575 26.05 -3.30 18.44
N ALA A 576 25.35 -3.50 17.32
CA ALA A 576 24.75 -2.37 16.62
C ALA A 576 23.57 -1.80 17.38
N ARG A 577 22.79 -2.65 18.04
CA ARG A 577 21.69 -2.13 18.84
C ARG A 577 22.18 -1.23 19.94
N ARG A 578 23.30 -1.58 20.57
CA ARG A 578 23.83 -0.72 21.63
C ARG A 578 24.30 0.61 21.05
N ALA A 579 25.04 0.57 19.94
CA ALA A 579 25.43 1.81 19.28
C ALA A 579 24.22 2.65 18.89
N LEU A 580 23.09 2.03 18.59
CA LEU A 580 21.92 2.82 18.29
C LEU A 580 21.39 3.49 19.53
N GLY A 581 21.44 2.81 20.68
CA GLY A 581 20.99 3.40 21.92
C GLY A 581 21.76 4.65 22.31
N ALA A 582 23.04 4.69 21.99
CA ALA A 582 23.86 5.87 22.24
C ALA A 582 23.62 6.98 21.22
N CYS A 583 22.81 6.73 20.20
CA CYS A 583 22.57 7.68 19.12
C CYS A 583 23.87 8.01 18.40
N ILE A 584 24.62 6.97 18.08
CA ILE A 584 25.85 7.10 17.33
C ILE A 584 25.52 7.23 15.85
N PRO A 585 25.96 8.31 15.20
CA PRO A 585 25.67 8.45 13.77
C PRO A 585 26.34 7.33 12.99
N PRO A 586 25.87 7.07 11.77
CA PRO A 586 26.48 5.99 10.99
C PRO A 586 27.95 6.20 10.74
N ILE A 587 28.35 7.43 10.39
CA ILE A 587 29.74 7.68 10.07
C ILE A 587 30.64 7.31 11.23
N SER A 588 30.23 7.64 12.46
CA SER A 588 31.04 7.37 13.63
C SER A 588 31.01 5.90 13.99
N PHE A 589 29.84 5.28 13.91
CA PHE A 589 29.73 3.87 14.22
C PHE A 589 30.60 3.04 13.30
N PHE A 590 30.49 3.26 12.00
CA PHE A 590 31.23 2.44 11.05
C PHE A 590 32.74 2.61 11.25
N SER A 591 33.22 3.85 11.30
CA SER A 591 34.65 4.07 11.44
C SER A 591 35.21 3.45 12.70
N SER A 592 34.35 3.15 13.68
CA SER A 592 34.85 2.60 14.93
C SER A 592 35.04 1.10 14.89
N LEU A 593 34.52 0.43 13.88
CA LEU A 593 34.53 -1.02 13.85
C LEU A 593 35.85 -1.57 13.32
N ARG A 594 36.21 -2.76 13.81
CA ARG A 594 37.32 -3.47 13.24
C ARG A 594 37.04 -3.73 11.76
N PRO A 595 38.08 -3.77 10.92
CA PRO A 595 37.84 -3.84 9.48
C PRO A 595 36.97 -5.01 9.06
N GLN A 596 37.14 -6.18 9.69
CA GLN A 596 36.32 -7.31 9.29
C GLN A 596 34.89 -7.18 9.78
N GLU A 597 34.66 -6.58 10.94
CA GLU A 597 33.28 -6.33 11.32
C GLU A 597 32.65 -5.28 10.42
N ARG A 598 33.43 -4.31 9.98
CA ARG A 598 32.90 -3.28 9.10
C ARG A 598 32.45 -3.90 7.78
N ASN A 599 33.04 -5.01 7.39
CA ASN A 599 32.58 -5.71 6.20
C ASN A 599 31.11 -6.08 6.30
N LEU A 600 30.62 -6.34 7.51
CA LEU A 600 29.23 -6.72 7.67
C LEU A 600 28.28 -5.64 7.23
N TYR A 601 28.74 -4.41 7.14
CA TYR A 601 27.96 -3.31 6.62
C TYR A 601 28.32 -2.96 5.19
N GLY A 602 29.19 -3.74 4.55
CA GLY A 602 29.53 -3.48 3.19
C GLY A 602 30.56 -2.38 3.05
N LEU A 603 31.38 -2.19 4.07
CA LEU A 603 32.39 -1.15 4.01
C LEU A 603 33.75 -1.73 4.34
#